data_3QE3
#
_entry.id   3QE3
#
_cell.length_a   67.749
_cell.length_b   85.881
_cell.length_c   119.888
_cell.angle_alpha   90.00
_cell.angle_beta   90.00
_cell.angle_gamma   90.00
#
_symmetry.space_group_name_H-M   'I 2 2 2'
#
loop_
_entity.id
_entity.type
_entity.pdbx_description
1 polymer 'Sorbitol dehydrogenase'
2 non-polymer 'ZINC ION'
3 non-polymer GLYCEROL
4 non-polymer 'ACETIC ACID'
5 water water
#
_entity_poly.entity_id   1
_entity_poly.type   'polypeptide(L)'
_entity_poly.pdbx_seq_one_letter_code
;AKPAAENLSLVVHGPGDLRLENYPIPEPGPNEVLLKMHSVGICGSDVHYWQHGRIGDFVVKKPMVLGHEASGTVVKVGSL
VRHLQPGDRVAIQPGAPRQTDEFCKIGRYNLSPTIFFCATPPDDGNLCRFYKHNANFCYKLPDNVTFEEGALIEPLSVGI
HACRRAGVTLGNKVLVCGAGPIGLVNLLAAKAMGAAQVVVTDLSASRLSKAKEVGADFILEISNESPEEIAKKVEGLLGS
KPEVTIECTGVETSIQAGIYATHSGGTLVLVGLGSEMTSVPLVHAATREVDIKGVFRYCNTWPMAISMLASKSVNVKPLV
THRFPLEKALEAFETSKKGLGLKVMIKCDPSDQNP
;
_entity_poly.pdbx_strand_id   A
#
# COMPACT_ATOMS: atom_id res chain seq x y z
N ALA A 5 -13.77 4.21 29.56
CA ALA A 5 -12.58 3.73 28.87
C ALA A 5 -12.57 4.20 27.42
N GLU A 6 -11.68 5.15 27.12
CA GLU A 6 -11.72 5.85 25.84
C GLU A 6 -11.01 5.10 24.72
N ASN A 7 -11.77 4.70 23.71
CA ASN A 7 -11.21 4.08 22.52
C ASN A 7 -11.97 4.51 21.27
N LEU A 8 -11.84 5.79 20.93
CA LEU A 8 -12.43 6.35 19.74
C LEU A 8 -12.07 5.50 18.51
N SER A 9 -13.06 5.25 17.66
CA SER A 9 -12.91 4.36 16.51
C SER A 9 -13.68 4.88 15.30
N LEU A 10 -13.03 4.87 14.13
CA LEU A 10 -13.69 5.30 12.90
C LEU A 10 -14.36 4.11 12.20
N VAL A 11 -15.66 4.24 11.95
CA VAL A 11 -16.49 3.12 11.51
C VAL A 11 -17.31 3.46 10.27
N VAL A 12 -17.32 2.57 9.30
CA VAL A 12 -18.20 2.74 8.16
C VAL A 12 -19.45 1.88 8.35
N HIS A 13 -20.62 2.51 8.26
CA HIS A 13 -21.87 1.78 8.40
C HIS A 13 -22.48 1.42 7.04
N GLY A 14 -22.00 2.09 6.00
CA GLY A 14 -22.50 1.87 4.66
C GLY A 14 -22.12 3.02 3.75
N PRO A 15 -22.58 2.97 2.49
CA PRO A 15 -22.23 3.98 1.48
C PRO A 15 -22.39 5.41 2.00
N GLY A 16 -21.28 6.08 2.27
CA GLY A 16 -21.30 7.46 2.71
C GLY A 16 -21.60 7.66 4.18
N ASP A 17 -21.70 6.57 4.93
CA ASP A 17 -22.01 6.66 6.36
C ASP A 17 -20.77 6.33 7.19
N LEU A 18 -20.08 7.39 7.60
CA LEU A 18 -18.85 7.28 8.38
C LEU A 18 -19.12 7.88 9.76
N ARG A 19 -18.71 7.19 10.82
CA ARG A 19 -18.94 7.68 12.17
C ARG A 19 -17.75 7.44 13.08
N LEU A 20 -17.52 8.34 14.03
CA LEU A 20 -16.54 8.08 15.09
C LEU A 20 -17.27 7.55 16.31
N GLU A 21 -16.85 6.38 16.78
CA GLU A 21 -17.55 5.68 17.84
C GLU A 21 -16.59 5.14 18.91
N ASN A 22 -17.08 5.05 20.14
CA ASN A 22 -16.30 4.46 21.22
C ASN A 22 -16.44 2.94 21.19
N TYR A 23 -15.31 2.24 21.28
CA TYR A 23 -15.31 0.79 21.26
C TYR A 23 -14.72 0.27 22.56
N PRO A 24 -15.05 -0.98 22.91
CA PRO A 24 -14.43 -1.63 24.07
C PRO A 24 -12.92 -1.74 23.86
N ILE A 25 -12.17 -1.87 24.94
CA ILE A 25 -10.74 -2.15 24.83
C ILE A 25 -10.56 -3.62 24.53
N PRO A 26 -9.99 -3.93 23.36
CA PRO A 26 -9.81 -5.33 22.98
C PRO A 26 -8.91 -6.08 23.96
N GLU A 27 -9.13 -7.39 24.08
CA GLU A 27 -8.34 -8.23 24.99
C GLU A 27 -7.50 -9.20 24.18
N PRO A 28 -6.18 -9.08 24.29
CA PRO A 28 -5.26 -9.91 23.50
C PRO A 28 -5.24 -11.36 23.99
N GLY A 29 -5.41 -12.30 23.05
CA GLY A 29 -5.25 -13.71 23.35
C GLY A 29 -3.80 -14.03 23.61
N PRO A 30 -3.49 -15.32 23.83
CA PRO A 30 -2.16 -15.77 24.24
C PRO A 30 -1.05 -15.38 23.27
N ASN A 31 -1.36 -15.25 21.98
CA ASN A 31 -0.35 -14.88 21.02
C ASN A 31 -0.64 -13.55 20.34
N GLU A 32 -1.40 -12.70 21.01
CA GLU A 32 -1.71 -11.38 20.49
C GLU A 32 -1.07 -10.29 21.34
N VAL A 33 -1.02 -9.07 20.81
CA VAL A 33 -0.63 -7.92 21.62
C VAL A 33 -1.68 -6.83 21.51
N LEU A 34 -1.80 -6.04 22.56
CA LEU A 34 -2.64 -4.84 22.54
C LEU A 34 -1.74 -3.66 22.22
N LEU A 35 -2.19 -2.84 21.28
CA LEU A 35 -1.39 -1.72 20.82
C LEU A 35 -2.11 -0.40 21.09
N LYS A 36 -1.35 0.56 21.57
CA LYS A 36 -1.80 1.94 21.65
C LYS A 36 -1.45 2.54 20.30
N MET A 37 -2.45 2.84 19.48
CA MET A 37 -2.19 3.27 18.12
C MET A 37 -1.53 4.63 18.04
N HIS A 38 -0.68 4.84 17.04
CA HIS A 38 0.01 6.12 16.92
C HIS A 38 -0.28 6.80 15.58
N SER A 39 0.09 6.13 14.49
CA SER A 39 -0.03 6.74 13.18
C SER A 39 -0.70 5.76 12.24
N VAL A 40 -1.72 6.23 11.53
CA VAL A 40 -2.49 5.39 10.62
C VAL A 40 -2.71 6.11 9.29
N GLY A 41 -2.09 5.61 8.23
CA GLY A 41 -2.29 6.20 6.92
C GLY A 41 -3.58 5.71 6.31
N ILE A 42 -4.22 6.52 5.48
CA ILE A 42 -5.39 6.03 4.76
C ILE A 42 -5.12 5.95 3.26
N CYS A 43 -5.87 5.10 2.56
CA CYS A 43 -5.69 4.96 1.11
C CYS A 43 -7.00 4.70 0.39
N GLY A 44 -6.93 4.59 -0.93
CA GLY A 44 -8.13 4.43 -1.74
C GLY A 44 -9.00 3.28 -1.29
N SER A 45 -8.38 2.27 -0.72
CA SER A 45 -9.10 1.13 -0.16
C SER A 45 -10.13 1.57 0.89
N ASP A 46 -9.67 2.33 1.88
CA ASP A 46 -10.54 2.89 2.93
C ASP A 46 -11.61 3.80 2.35
N VAL A 47 -11.17 4.70 1.48
CA VAL A 47 -12.09 5.65 0.84
C VAL A 47 -13.15 4.91 0.04
N HIS A 48 -12.75 3.80 -0.60
CA HIS A 48 -13.67 3.04 -1.42
C HIS A 48 -14.78 2.40 -0.60
N TYR A 49 -14.40 1.81 0.54
CA TYR A 49 -15.41 1.23 1.43
C TYR A 49 -16.33 2.34 1.96
N TRP A 50 -15.74 3.49 2.29
CA TRP A 50 -16.51 4.65 2.71
C TRP A 50 -17.59 5.00 1.68
N GLN A 51 -17.17 5.25 0.45
CA GLN A 51 -18.08 5.67 -0.62
C GLN A 51 -19.09 4.60 -1.02
N HIS A 52 -18.62 3.38 -1.27
CA HIS A 52 -19.47 2.36 -1.89
C HIS A 52 -19.85 1.20 -0.97
N GLY A 53 -19.16 1.07 0.17
CA GLY A 53 -19.45 0.02 1.11
C GLY A 53 -19.02 -1.35 0.61
N ARG A 54 -18.17 -1.37 -0.40
CA ARG A 54 -17.65 -2.63 -0.94
C ARG A 54 -16.51 -2.37 -1.90
N ILE A 55 -15.67 -3.38 -2.05
CA ILE A 55 -14.70 -3.46 -3.13
C ILE A 55 -14.91 -4.83 -3.78
N GLY A 56 -15.59 -4.85 -4.91
CA GLY A 56 -15.95 -6.12 -5.53
C GLY A 56 -16.72 -7.00 -4.56
N ASP A 57 -16.26 -8.24 -4.38
CA ASP A 57 -16.95 -9.24 -3.57
C ASP A 57 -16.78 -9.04 -2.06
N PHE A 58 -15.88 -8.15 -1.67
CA PHE A 58 -15.72 -7.79 -0.27
C PHE A 58 -16.78 -6.76 0.12
N VAL A 59 -17.77 -7.17 0.91
CA VAL A 59 -18.90 -6.31 1.22
C VAL A 59 -19.08 -6.02 2.72
N VAL A 60 -19.28 -4.76 3.06
CA VAL A 60 -19.51 -4.37 4.44
C VAL A 60 -20.95 -4.72 4.82
N LYS A 61 -21.14 -5.87 5.44
CA LYS A 61 -22.48 -6.34 5.83
C LYS A 61 -22.87 -5.92 7.25
N LYS A 62 -21.90 -5.40 8.00
CA LYS A 62 -22.14 -4.84 9.34
C LYS A 62 -21.07 -3.78 9.53
N PRO A 63 -21.31 -2.83 10.46
CA PRO A 63 -20.35 -1.73 10.67
C PRO A 63 -18.92 -2.22 10.82
N MET A 64 -18.00 -1.55 10.13
CA MET A 64 -16.60 -1.96 10.11
C MET A 64 -15.68 -0.83 10.50
N VAL A 65 -14.68 -1.14 11.30
CA VAL A 65 -13.64 -0.18 11.61
C VAL A 65 -12.69 -0.13 10.43
N LEU A 66 -12.33 1.07 10.00
CA LEU A 66 -11.42 1.24 8.87
C LEU A 66 -9.97 1.34 9.37
N GLY A 67 -9.03 1.52 8.45
CA GLY A 67 -7.63 1.67 8.82
C GLY A 67 -6.84 0.37 8.74
N HIS A 68 -5.75 0.37 7.95
CA HIS A 68 -4.94 -0.84 7.81
C HIS A 68 -3.46 -0.56 7.55
N GLU A 69 -3.06 0.70 7.59
CA GLU A 69 -1.66 1.07 7.38
C GLU A 69 -1.21 1.77 8.64
N ALA A 70 -0.59 1.04 9.56
CA ALA A 70 -0.51 1.54 10.92
C ALA A 70 0.71 1.14 11.71
N SER A 71 0.95 1.90 12.78
CA SER A 71 2.02 1.63 13.74
C SER A 71 1.54 2.11 15.10
N GLY A 72 2.21 1.67 16.15
CA GLY A 72 1.77 2.00 17.50
C GLY A 72 2.71 1.42 18.50
N THR A 73 2.28 1.42 19.76
CA THR A 73 3.11 1.00 20.87
C THR A 73 2.44 -0.16 21.62
N VAL A 74 3.20 -1.23 21.85
CA VAL A 74 2.70 -2.36 22.62
C VAL A 74 2.43 -1.88 24.04
N VAL A 75 1.25 -2.17 24.56
CA VAL A 75 0.96 -1.86 25.96
C VAL A 75 0.71 -3.13 26.77
N LYS A 76 0.32 -4.19 26.09
CA LYS A 76 -0.03 -5.45 26.74
C LYS A 76 0.29 -6.60 25.80
N VAL A 77 0.82 -7.70 26.33
CA VAL A 77 1.12 -8.88 25.52
C VAL A 77 0.49 -10.15 26.09
N GLY A 78 0.23 -11.12 25.23
CA GLY A 78 -0.31 -12.41 25.64
C GLY A 78 0.72 -13.30 26.32
N SER A 79 0.23 -14.37 26.94
CA SER A 79 1.08 -15.27 27.71
C SER A 79 2.14 -15.98 26.87
N LEU A 80 1.89 -16.14 25.58
CA LEU A 80 2.83 -16.85 24.70
C LEU A 80 3.77 -15.93 23.92
N VAL A 81 3.61 -14.62 24.07
CA VAL A 81 4.38 -13.67 23.29
C VAL A 81 5.76 -13.43 23.93
N ARG A 82 6.82 -13.66 23.16
CA ARG A 82 8.17 -13.48 23.72
C ARG A 82 9.03 -12.41 23.03
N HIS A 83 8.73 -12.07 21.78
CA HIS A 83 9.60 -11.16 21.03
C HIS A 83 9.20 -9.68 21.16
N LEU A 84 8.12 -9.41 21.88
CA LEU A 84 7.63 -8.06 22.06
C LEU A 84 7.20 -7.87 23.50
N GLN A 85 7.25 -6.64 23.98
CA GLN A 85 6.93 -6.32 25.37
C GLN A 85 6.38 -4.90 25.45
N PRO A 86 5.69 -4.58 26.56
CA PRO A 86 5.17 -3.21 26.66
C PRO A 86 6.28 -2.17 26.45
N GLY A 87 5.99 -1.15 25.65
CA GLY A 87 6.94 -0.09 25.37
C GLY A 87 7.52 -0.19 23.98
N ASP A 88 7.47 -1.39 23.41
CA ASP A 88 7.95 -1.62 22.05
C ASP A 88 7.13 -0.86 21.02
N ARG A 89 7.82 -0.10 20.17
CA ARG A 89 7.18 0.52 19.01
C ARG A 89 7.15 -0.50 17.88
N VAL A 90 6.01 -0.67 17.22
CA VAL A 90 5.91 -1.70 16.19
C VAL A 90 5.15 -1.23 14.94
N ALA A 91 5.53 -1.78 13.80
CA ALA A 91 4.74 -1.62 12.59
C ALA A 91 3.77 -2.80 12.50
N ILE A 92 2.53 -2.53 12.12
CA ILE A 92 1.52 -3.58 12.06
C ILE A 92 1.35 -4.06 10.62
N GLN A 93 1.65 -5.34 10.37
CA GLN A 93 1.31 -5.95 9.08
C GLN A 93 -0.14 -6.45 9.13
N PRO A 94 -1.04 -5.80 8.38
CA PRO A 94 -2.49 -5.97 8.58
C PRO A 94 -3.06 -7.36 8.21
N GLY A 95 -2.36 -8.11 7.37
CA GLY A 95 -2.79 -9.46 6.99
C GLY A 95 -2.11 -10.54 7.81
N ALA A 96 -2.90 -11.19 8.69
CA ALA A 96 -2.37 -12.22 9.58
C ALA A 96 -3.12 -13.52 9.36
N PRO A 97 -2.40 -14.56 8.90
CA PRO A 97 -3.10 -15.83 8.64
C PRO A 97 -3.72 -16.39 9.91
N ARG A 98 -4.91 -16.97 9.78
CA ARG A 98 -5.58 -17.65 10.89
C ARG A 98 -5.19 -19.12 10.97
N GLN A 99 -4.83 -19.70 9.82
CA GLN A 99 -4.57 -21.14 9.75
C GLN A 99 -3.26 -21.44 9.06
N THR A 100 -2.64 -22.55 9.43
CA THR A 100 -1.46 -23.02 8.74
C THR A 100 -1.89 -23.82 7.51
N ASP A 101 -2.45 -23.14 6.51
CA ASP A 101 -2.89 -23.82 5.30
C ASP A 101 -1.74 -23.98 4.30
N GLU A 102 -2.02 -24.55 3.13
CA GLU A 102 -0.95 -24.80 2.18
C GLU A 102 -0.28 -23.53 1.66
N PHE A 103 -1.06 -22.45 1.49
CA PHE A 103 -0.48 -21.18 1.04
C PHE A 103 0.54 -20.67 2.04
N CYS A 104 0.22 -20.80 3.33
CA CYS A 104 1.12 -20.41 4.38
C CYS A 104 2.37 -21.27 4.36
N LYS A 105 2.20 -22.59 4.30
CA LYS A 105 3.35 -23.48 4.31
C LYS A 105 4.38 -23.17 3.19
N ILE A 106 3.89 -22.90 1.98
CA ILE A 106 4.80 -22.64 0.86
C ILE A 106 5.30 -21.21 0.83
N GLY A 107 4.89 -20.39 1.79
CA GLY A 107 5.44 -19.05 1.90
C GLY A 107 4.67 -17.99 1.13
N ARG A 108 3.42 -18.29 0.77
CA ARG A 108 2.56 -17.31 0.09
C ARG A 108 1.30 -17.03 0.91
N TYR A 109 1.49 -16.62 2.16
CA TYR A 109 0.36 -16.49 3.07
C TYR A 109 -0.65 -15.42 2.64
N ASN A 110 -0.25 -14.53 1.74
CA ASN A 110 -1.14 -13.46 1.28
C ASN A 110 -2.35 -14.05 0.56
N LEU A 111 -2.16 -15.25 0.00
CA LEU A 111 -3.18 -15.94 -0.77
C LEU A 111 -4.08 -16.84 0.07
N SER A 112 -3.78 -16.96 1.36
CA SER A 112 -4.60 -17.75 2.27
C SER A 112 -6.05 -17.26 2.31
N PRO A 113 -7.02 -18.13 1.98
CA PRO A 113 -8.41 -17.66 1.92
C PRO A 113 -9.01 -17.27 3.27
N THR A 114 -8.41 -17.71 4.38
CA THR A 114 -8.98 -17.42 5.70
C THR A 114 -8.17 -16.37 6.47
N ILE A 115 -7.30 -15.65 5.75
CA ILE A 115 -6.46 -14.63 6.38
C ILE A 115 -7.28 -13.51 7.01
N PHE A 116 -6.87 -13.06 8.19
CA PHE A 116 -7.42 -11.86 8.78
C PHE A 116 -6.75 -10.64 8.13
N PHE A 117 -7.52 -9.62 7.79
CA PHE A 117 -6.93 -8.44 7.20
C PHE A 117 -7.65 -7.15 7.56
N CYS A 118 -6.97 -6.28 8.31
CA CYS A 118 -7.55 -5.01 8.77
C CYS A 118 -8.37 -4.29 7.71
N ALA A 119 -9.63 -4.02 8.05
CA ALA A 119 -10.51 -3.11 7.32
C ALA A 119 -10.93 -3.61 5.94
N THR A 120 -10.68 -4.89 5.66
CA THR A 120 -11.36 -5.59 4.58
C THR A 120 -12.41 -6.46 5.27
N PRO A 121 -13.69 -6.23 4.98
CA PRO A 121 -14.75 -6.84 5.79
C PRO A 121 -14.75 -8.37 5.68
N PRO A 122 -15.12 -9.07 6.77
CA PRO A 122 -15.70 -8.55 8.02
C PRO A 122 -14.68 -8.20 9.10
N ASP A 123 -13.42 -8.00 8.72
CA ASP A 123 -12.36 -7.75 9.70
C ASP A 123 -12.17 -6.26 10.05
N ASP A 124 -12.37 -5.91 11.32
CA ASP A 124 -12.19 -4.53 11.77
C ASP A 124 -10.73 -4.06 11.67
N GLY A 125 -10.54 -2.79 11.34
CA GLY A 125 -9.21 -2.21 11.18
C GLY A 125 -8.66 -1.52 12.42
N ASN A 126 -7.61 -0.72 12.23
CA ASN A 126 -6.87 -0.16 13.37
C ASN A 126 -6.90 1.37 13.49
N LEU A 127 -7.86 2.00 12.82
CA LEU A 127 -8.09 3.43 12.97
C LEU A 127 -8.86 3.65 14.26
N CYS A 128 -8.14 3.63 15.37
CA CYS A 128 -8.72 3.69 16.69
C CYS A 128 -7.60 3.96 17.69
N ARG A 129 -7.94 4.04 18.98
CA ARG A 129 -6.92 4.29 20.01
C ARG A 129 -6.21 3.01 20.41
N PHE A 130 -7.00 1.96 20.61
CA PHE A 130 -6.47 0.68 21.05
C PHE A 130 -6.90 -0.42 20.11
N TYR A 131 -5.94 -1.28 19.78
CA TYR A 131 -6.14 -2.30 18.77
C TYR A 131 -5.34 -3.55 19.15
N LYS A 132 -5.90 -4.75 18.98
CA LYS A 132 -5.13 -5.98 19.21
C LYS A 132 -4.81 -6.71 17.92
N HIS A 133 -3.68 -7.41 17.90
CA HIS A 133 -3.15 -8.03 16.68
C HIS A 133 -2.30 -9.25 16.97
N ASN A 134 -2.32 -10.21 16.06
CA ASN A 134 -1.40 -11.33 16.08
C ASN A 134 0.04 -10.83 16.27
N ALA A 135 0.70 -11.28 17.34
CA ALA A 135 2.04 -10.78 17.68
C ALA A 135 3.07 -11.04 16.60
N ASN A 136 2.94 -12.14 15.86
CA ASN A 136 3.95 -12.45 14.87
C ASN A 136 3.89 -11.50 13.68
N PHE A 137 2.81 -10.73 13.61
CA PHE A 137 2.66 -9.76 12.53
C PHE A 137 2.75 -8.30 12.98
N CYS A 138 3.34 -8.11 14.15
CA CYS A 138 3.76 -6.77 14.58
C CYS A 138 5.28 -6.81 14.59
N TYR A 139 5.91 -5.78 14.02
CA TYR A 139 7.37 -5.79 13.86
C TYR A 139 8.01 -4.63 14.60
N LYS A 140 8.89 -4.94 15.53
CA LYS A 140 9.61 -3.93 16.30
C LYS A 140 10.31 -2.94 15.37
N LEU A 141 10.10 -1.66 15.61
CA LEU A 141 10.82 -0.62 14.89
C LEU A 141 12.03 -0.17 15.69
N PRO A 142 13.16 0.03 15.00
CA PRO A 142 14.31 0.66 15.65
C PRO A 142 14.09 2.16 15.86
N ASP A 143 14.86 2.76 16.77
CA ASP A 143 14.59 4.12 17.22
C ASP A 143 14.80 5.21 16.17
N ASN A 144 15.51 4.89 15.08
CA ASN A 144 15.72 5.83 13.99
C ASN A 144 14.72 5.67 12.85
N VAL A 145 13.63 4.97 13.15
CA VAL A 145 12.53 4.80 12.21
C VAL A 145 11.27 5.33 12.88
N THR A 146 10.67 6.35 12.31
CA THR A 146 9.54 7.01 12.94
C THR A 146 8.26 6.19 12.89
N PHE A 147 7.31 6.54 13.73
CA PHE A 147 5.99 5.92 13.66
C PHE A 147 5.40 6.02 12.26
N GLU A 148 5.51 7.19 11.63
CA GLU A 148 4.94 7.37 10.29
C GLU A 148 5.62 6.49 9.26
N GLU A 149 6.95 6.40 9.30
CA GLU A 149 7.65 5.45 8.43
C GLU A 149 7.13 4.04 8.65
N GLY A 150 6.85 3.72 9.92
CA GLY A 150 6.31 2.41 10.26
C GLY A 150 4.96 2.18 9.63
N ALA A 151 4.11 3.20 9.68
CA ALA A 151 2.82 3.12 9.04
C ALA A 151 2.97 3.00 7.52
N LEU A 152 3.99 3.65 6.98
CA LEU A 152 4.18 3.70 5.52
C LEU A 152 4.74 2.40 4.95
N ILE A 153 5.19 1.50 5.81
CA ILE A 153 5.65 0.18 5.35
C ILE A 153 4.58 -0.53 4.54
N GLU A 154 3.32 -0.33 4.94
CA GLU A 154 2.22 -1.03 4.30
C GLU A 154 2.11 -0.64 2.82
N PRO A 155 1.98 0.68 2.53
CA PRO A 155 1.97 1.05 1.11
C PRO A 155 3.29 0.74 0.42
N LEU A 156 4.42 0.94 1.10
CA LEU A 156 5.71 0.58 0.50
C LEU A 156 5.73 -0.89 0.10
N SER A 157 5.15 -1.74 0.96
CA SER A 157 5.11 -3.18 0.72
C SER A 157 4.36 -3.56 -0.55
N VAL A 158 3.33 -2.78 -0.89
CA VAL A 158 2.62 -2.98 -2.14
C VAL A 158 3.60 -2.91 -3.31
N GLY A 159 4.42 -1.85 -3.30
CA GLY A 159 5.49 -1.68 -4.28
C GLY A 159 6.57 -2.74 -4.23
N ILE A 160 7.03 -3.11 -3.03
CA ILE A 160 8.04 -4.16 -2.91
C ILE A 160 7.58 -5.48 -3.53
N HIS A 161 6.38 -5.91 -3.16
CA HIS A 161 5.80 -7.17 -3.63
C HIS A 161 5.64 -7.15 -5.16
N ALA A 162 5.10 -6.06 -5.69
CA ALA A 162 4.93 -5.90 -7.14
C ALA A 162 6.27 -5.93 -7.87
N CYS A 163 7.26 -5.22 -7.34
CA CYS A 163 8.56 -5.15 -8.00
C CYS A 163 9.33 -6.47 -7.91
N ARG A 164 9.20 -7.18 -6.79
CA ARG A 164 9.71 -8.53 -6.71
C ARG A 164 9.08 -9.44 -7.74
N ARG A 165 7.77 -9.39 -7.86
CA ARG A 165 7.10 -10.28 -8.79
C ARG A 165 7.42 -9.91 -10.24
N ALA A 166 7.78 -8.65 -10.47
CA ALA A 166 8.21 -8.18 -11.78
C ALA A 166 9.66 -8.58 -12.07
N GLY A 167 10.44 -8.80 -11.03
CA GLY A 167 11.84 -9.16 -11.19
C GLY A 167 12.74 -7.95 -11.43
N VAL A 168 12.32 -6.77 -10.96
CA VAL A 168 13.15 -5.57 -11.06
C VAL A 168 14.53 -5.78 -10.43
N THR A 169 15.58 -5.48 -11.18
CA THR A 169 16.92 -5.63 -10.65
C THR A 169 17.92 -4.66 -11.29
N LEU A 170 19.18 -4.81 -10.89
CA LEU A 170 20.26 -3.92 -11.25
C LEU A 170 20.22 -3.48 -12.71
N GLY A 171 20.15 -2.17 -12.92
CA GLY A 171 20.29 -1.60 -14.25
C GLY A 171 19.01 -1.50 -15.09
N ASN A 172 17.91 -2.14 -14.65
CA ASN A 172 16.69 -2.16 -15.44
C ASN A 172 16.12 -0.75 -15.57
N LYS A 173 15.40 -0.52 -16.66
CA LYS A 173 14.63 0.70 -16.84
C LYS A 173 13.19 0.29 -16.63
N VAL A 174 12.45 1.09 -15.88
CA VAL A 174 11.13 0.69 -15.47
C VAL A 174 10.13 1.79 -15.78
N LEU A 175 8.97 1.39 -16.28
CA LEU A 175 7.85 2.31 -16.50
C LEU A 175 6.82 2.13 -15.39
N VAL A 176 6.45 3.23 -14.74
CA VAL A 176 5.39 3.17 -13.74
C VAL A 176 4.23 4.02 -14.24
N CYS A 177 3.08 3.37 -14.39
CA CYS A 177 1.90 4.05 -14.90
C CYS A 177 1.13 4.56 -13.70
N GLY A 178 1.07 5.89 -13.56
CA GLY A 178 0.36 6.48 -12.44
C GLY A 178 1.30 7.09 -11.40
N ALA A 179 1.06 8.36 -11.08
CA ALA A 179 1.82 9.06 -10.06
C ALA A 179 1.03 9.27 -8.78
N GLY A 180 -0.06 8.53 -8.61
CA GLY A 180 -0.73 8.49 -7.33
C GLY A 180 0.13 7.76 -6.31
N PRO A 181 -0.36 7.64 -5.07
CA PRO A 181 0.32 6.92 -3.99
C PRO A 181 0.82 5.52 -4.39
N ILE A 182 0.02 4.76 -5.14
CA ILE A 182 0.42 3.42 -5.57
C ILE A 182 1.66 3.48 -6.49
N GLY A 183 1.61 4.35 -7.48
CA GLY A 183 2.70 4.57 -8.39
C GLY A 183 3.98 5.02 -7.69
N LEU A 184 3.84 5.91 -6.71
CA LEU A 184 5.02 6.43 -6.03
C LEU A 184 5.75 5.39 -5.21
N VAL A 185 5.01 4.46 -4.58
CA VAL A 185 5.66 3.43 -3.78
C VAL A 185 6.34 2.39 -4.68
N ASN A 186 5.80 2.19 -5.87
CA ASN A 186 6.45 1.32 -6.83
C ASN A 186 7.71 1.97 -7.44
N LEU A 187 7.65 3.27 -7.68
CA LEU A 187 8.87 4.04 -8.00
C LEU A 187 9.94 3.84 -6.92
N LEU A 188 9.54 4.04 -5.66
CA LEU A 188 10.50 3.87 -4.56
C LEU A 188 11.07 2.46 -4.50
N ALA A 189 10.20 1.46 -4.64
CA ALA A 189 10.66 0.08 -4.53
C ALA A 189 11.59 -0.28 -5.68
N ALA A 190 11.24 0.14 -6.90
CA ALA A 190 12.07 -0.17 -8.07
C ALA A 190 13.49 0.40 -7.91
N LYS A 191 13.60 1.68 -7.53
CA LYS A 191 14.90 2.30 -7.33
C LYS A 191 15.67 1.56 -6.22
N ALA A 192 14.95 1.21 -5.14
CA ALA A 192 15.59 0.52 -4.03
C ALA A 192 16.14 -0.82 -4.49
N MET A 193 15.46 -1.45 -5.45
CA MET A 193 15.89 -2.76 -5.93
C MET A 193 16.92 -2.71 -7.04
N GLY A 194 17.33 -1.50 -7.42
CA GLY A 194 18.44 -1.35 -8.34
C GLY A 194 18.14 -0.88 -9.75
N ALA A 195 16.89 -0.51 -10.01
CA ALA A 195 16.53 0.04 -11.30
C ALA A 195 17.40 1.27 -11.61
N ALA A 196 17.96 1.34 -12.82
CA ALA A 196 18.79 2.51 -13.18
C ALA A 196 17.94 3.75 -13.42
N GLN A 197 16.77 3.55 -14.03
CA GLN A 197 15.86 4.63 -14.35
C GLN A 197 14.39 4.24 -14.24
N VAL A 198 13.60 5.10 -13.61
CA VAL A 198 12.15 4.91 -13.61
C VAL A 198 11.52 6.13 -14.27
N VAL A 199 10.68 5.86 -15.26
CA VAL A 199 9.81 6.90 -15.83
C VAL A 199 8.40 6.70 -15.30
N VAL A 200 7.75 7.79 -14.95
CA VAL A 200 6.41 7.77 -14.39
C VAL A 200 5.49 8.58 -15.29
N THR A 201 4.36 7.99 -15.66
CA THR A 201 3.37 8.70 -16.47
C THR A 201 2.17 9.08 -15.60
N ASP A 202 1.44 10.11 -16.02
CA ASP A 202 0.23 10.52 -15.32
C ASP A 202 -0.45 11.65 -16.09
N LEU A 203 -1.72 11.90 -15.80
CA LEU A 203 -2.46 12.98 -16.46
C LEU A 203 -2.21 14.32 -15.78
N SER A 204 -1.79 14.26 -14.53
CA SER A 204 -1.67 15.44 -13.68
C SER A 204 -0.25 15.98 -13.60
N ALA A 205 -0.08 17.27 -13.88
CA ALA A 205 1.22 17.91 -13.77
C ALA A 205 1.62 17.94 -12.29
N SER A 206 0.63 18.11 -11.44
CA SER A 206 0.86 18.17 -10.00
C SER A 206 1.42 16.87 -9.43
N ARG A 207 0.80 15.74 -9.77
CA ARG A 207 1.25 14.46 -9.25
C ARG A 207 2.67 14.14 -9.72
N LEU A 208 2.97 14.50 -10.97
CA LEU A 208 4.28 14.25 -11.54
C LEU A 208 5.37 15.11 -10.89
N SER A 209 5.03 16.33 -10.51
CA SER A 209 5.97 17.15 -9.73
C SER A 209 6.37 16.40 -8.49
N LYS A 210 5.38 15.80 -7.84
CA LYS A 210 5.65 15.05 -6.62
C LYS A 210 6.43 13.77 -6.91
N ALA A 211 6.17 13.13 -8.05
CA ALA A 211 6.95 11.94 -8.41
C ALA A 211 8.42 12.29 -8.62
N LYS A 212 8.69 13.47 -9.17
CA LYS A 212 10.06 13.99 -9.29
C LYS A 212 10.74 14.13 -7.93
N GLU A 213 10.07 14.79 -6.99
CA GLU A 213 10.60 14.96 -5.64
C GLU A 213 11.00 13.62 -5.04
N VAL A 214 10.16 12.62 -5.28
CA VAL A 214 10.33 11.29 -4.70
C VAL A 214 11.45 10.50 -5.38
N GLY A 215 11.80 10.87 -6.62
CA GLY A 215 12.96 10.29 -7.25
C GLY A 215 12.80 9.78 -8.67
N ALA A 216 11.66 10.06 -9.28
CA ALA A 216 11.44 9.66 -10.67
C ALA A 216 12.53 10.27 -11.52
N ASP A 217 13.14 9.44 -12.36
CA ASP A 217 14.18 9.91 -13.26
C ASP A 217 13.56 10.69 -14.40
N PHE A 218 12.42 10.24 -14.89
CA PHE A 218 11.68 10.96 -15.95
C PHE A 218 10.22 11.02 -15.58
N ILE A 219 9.55 12.09 -16.01
CA ILE A 219 8.11 12.18 -15.91
C ILE A 219 7.52 12.43 -17.28
N LEU A 220 6.33 11.88 -17.51
CA LEU A 220 5.67 12.02 -18.79
C LEU A 220 4.20 12.37 -18.58
N GLU A 221 3.81 13.58 -18.96
CA GLU A 221 2.41 13.96 -18.83
C GLU A 221 1.61 13.50 -20.05
N ILE A 222 0.66 12.62 -19.78
CA ILE A 222 -0.20 12.07 -20.81
C ILE A 222 -1.46 12.90 -20.97
N SER A 223 -1.96 12.98 -22.19
CA SER A 223 -3.21 13.69 -22.46
C SER A 223 -4.12 12.80 -23.31
N ASN A 224 -4.04 12.93 -24.63
CA ASN A 224 -4.88 12.10 -25.49
C ASN A 224 -4.14 11.04 -26.30
N GLU A 225 -2.93 10.69 -25.88
CA GLU A 225 -2.14 9.68 -26.61
C GLU A 225 -2.85 8.34 -26.65
N SER A 226 -2.59 7.59 -27.71
CA SER A 226 -3.04 6.21 -27.84
C SER A 226 -2.03 5.35 -27.10
N PRO A 227 -2.39 4.11 -26.76
CA PRO A 227 -1.45 3.24 -26.03
C PRO A 227 -0.12 3.05 -26.77
N GLU A 228 -0.17 2.96 -28.11
CA GLU A 228 1.05 2.81 -28.89
C GLU A 228 1.93 4.05 -28.81
N GLU A 229 1.30 5.22 -28.83
CA GLU A 229 1.97 6.51 -28.69
C GLU A 229 2.61 6.68 -27.30
N ILE A 230 1.87 6.31 -26.26
CA ILE A 230 2.46 6.30 -24.92
C ILE A 230 3.71 5.44 -24.89
N ALA A 231 3.59 4.17 -25.30
CA ALA A 231 4.71 3.25 -25.33
C ALA A 231 5.88 3.86 -26.09
N LYS A 232 5.56 4.56 -27.16
CA LYS A 232 6.57 5.18 -28.00
C LYS A 232 7.30 6.33 -27.31
N LYS A 233 6.54 7.18 -26.61
CA LYS A 233 7.13 8.32 -25.92
C LYS A 233 7.99 7.81 -24.78
N VAL A 234 7.52 6.77 -24.11
CA VAL A 234 8.27 6.13 -23.04
C VAL A 234 9.62 5.63 -23.55
N GLU A 235 9.60 4.88 -24.64
CA GLU A 235 10.83 4.35 -25.22
C GLU A 235 11.80 5.46 -25.61
N GLY A 236 11.25 6.53 -26.15
CA GLY A 236 12.06 7.67 -26.56
C GLY A 236 12.83 8.32 -25.43
N LEU A 237 12.19 8.42 -24.27
CA LEU A 237 12.83 9.05 -23.12
C LEU A 237 13.90 8.14 -22.54
N LEU A 238 13.61 6.84 -22.48
CA LEU A 238 14.51 5.89 -21.82
C LEU A 238 15.67 5.49 -22.71
N GLY A 239 15.47 5.55 -24.03
CA GLY A 239 16.48 5.09 -24.96
C GLY A 239 16.33 3.61 -25.26
N SER A 240 15.29 3.01 -24.69
CA SER A 240 14.98 1.61 -24.91
C SER A 240 13.61 1.28 -24.31
N LYS A 241 13.12 0.08 -24.59
CA LYS A 241 11.87 -0.37 -23.98
C LYS A 241 12.19 -0.85 -22.57
N PRO A 242 11.37 -0.46 -21.60
CA PRO A 242 11.61 -0.85 -20.20
C PRO A 242 11.44 -2.35 -19.98
N GLU A 243 12.38 -2.97 -19.27
CA GLU A 243 12.25 -4.41 -18.96
C GLU A 243 11.01 -4.71 -18.13
N VAL A 244 10.60 -3.73 -17.33
CA VAL A 244 9.46 -3.90 -16.42
C VAL A 244 8.51 -2.72 -16.54
N THR A 245 7.21 -3.01 -16.59
CA THR A 245 6.19 -1.97 -16.40
C THR A 245 5.33 -2.28 -15.17
N ILE A 246 5.09 -1.29 -14.32
CA ILE A 246 4.18 -1.48 -13.19
C ILE A 246 2.96 -0.59 -13.46
N GLU A 247 1.79 -1.21 -13.62
CA GLU A 247 0.58 -0.46 -13.95
C GLU A 247 -0.21 -0.22 -12.68
N CYS A 248 -0.36 1.05 -12.33
CA CYS A 248 -0.91 1.42 -11.03
C CYS A 248 -2.26 2.15 -11.08
N THR A 249 -2.81 2.34 -12.29
CA THR A 249 -4.07 3.09 -12.46
C THR A 249 -5.34 2.22 -12.58
N GLY A 250 -5.19 0.99 -13.05
CA GLY A 250 -6.33 0.15 -13.33
C GLY A 250 -7.10 0.55 -14.58
N VAL A 251 -6.56 1.51 -15.32
CA VAL A 251 -7.24 2.03 -16.50
C VAL A 251 -6.86 1.27 -17.76
N GLU A 252 -7.86 0.72 -18.45
CA GLU A 252 -7.64 -0.21 -19.55
C GLU A 252 -6.62 0.28 -20.56
N THR A 253 -6.75 1.53 -20.97
CA THR A 253 -5.82 2.13 -21.91
C THR A 253 -4.39 2.13 -21.37
N SER A 254 -4.25 2.27 -20.06
CA SER A 254 -2.92 2.28 -19.44
C SER A 254 -2.33 0.86 -19.42
N ILE A 255 -3.21 -0.11 -19.21
CA ILE A 255 -2.81 -1.51 -19.30
C ILE A 255 -2.33 -1.84 -20.72
N GLN A 256 -3.07 -1.43 -21.73
CA GLN A 256 -2.64 -1.64 -23.10
C GLN A 256 -1.31 -0.97 -23.38
N ALA A 257 -1.13 0.24 -22.88
CA ALA A 257 0.13 0.98 -23.04
C ALA A 257 1.28 0.15 -22.50
N GLY A 258 1.09 -0.39 -21.30
CA GLY A 258 2.09 -1.25 -20.68
C GLY A 258 2.50 -2.43 -21.55
N ILE A 259 1.52 -3.04 -22.20
CA ILE A 259 1.78 -4.16 -23.10
C ILE A 259 2.64 -3.74 -24.31
N TYR A 260 2.30 -2.61 -24.92
CA TYR A 260 3.09 -2.13 -26.05
C TYR A 260 4.48 -1.65 -25.61
N ALA A 261 4.54 -1.09 -24.40
CA ALA A 261 5.76 -0.44 -23.90
C ALA A 261 6.85 -1.41 -23.44
N THR A 262 6.44 -2.55 -22.88
CA THR A 262 7.38 -3.43 -22.19
C THR A 262 8.32 -4.18 -23.15
N HIS A 263 9.59 -4.23 -22.79
CA HIS A 263 10.59 -4.95 -23.57
C HIS A 263 10.18 -6.41 -23.75
N SER A 264 10.51 -7.00 -24.90
CA SER A 264 10.20 -8.42 -25.14
C SER A 264 10.92 -9.24 -24.09
N GLY A 265 10.26 -10.27 -23.56
CA GLY A 265 10.86 -11.08 -22.51
C GLY A 265 10.64 -10.47 -21.13
N GLY A 266 10.03 -9.29 -21.11
CA GLY A 266 9.87 -8.52 -19.88
C GLY A 266 8.61 -8.87 -19.10
N THR A 267 8.26 -8.03 -18.14
CA THR A 267 7.11 -8.27 -17.29
C THR A 267 6.27 -7.01 -17.00
N LEU A 268 4.97 -7.14 -17.19
CA LEU A 268 4.00 -6.13 -16.82
C LEU A 268 3.27 -6.61 -15.58
N VAL A 269 3.34 -5.82 -14.51
CA VAL A 269 2.63 -6.12 -13.28
C VAL A 269 1.48 -5.16 -13.07
N LEU A 270 0.31 -5.74 -12.81
CA LEU A 270 -0.93 -5.01 -12.65
C LEU A 270 -1.16 -4.80 -11.16
N VAL A 271 -1.11 -3.56 -10.70
CA VAL A 271 -1.33 -3.26 -9.30
C VAL A 271 -2.65 -2.50 -9.09
N GLY A 272 -2.99 -1.65 -10.05
CA GLY A 272 -4.24 -0.91 -10.00
C GLY A 272 -5.45 -1.82 -10.24
N LEU A 273 -6.58 -1.49 -9.63
CA LEU A 273 -7.81 -2.24 -9.85
C LEU A 273 -8.61 -1.73 -11.06
N GLY A 274 -8.82 -2.61 -12.03
CA GLY A 274 -9.56 -2.27 -13.23
C GLY A 274 -10.99 -2.77 -13.19
N SER A 275 -11.65 -2.76 -14.35
CA SER A 275 -13.01 -3.28 -14.46
C SER A 275 -13.00 -4.82 -14.50
N GLU A 276 -14.17 -5.43 -14.30
CA GLU A 276 -14.27 -6.89 -14.24
C GLU A 276 -13.76 -7.55 -15.50
N MET A 277 -13.96 -6.88 -16.63
CA MET A 277 -13.47 -7.39 -17.89
C MET A 277 -12.51 -6.38 -18.46
N THR A 278 -11.37 -6.85 -18.95
CA THR A 278 -10.46 -5.96 -19.61
C THR A 278 -10.22 -6.41 -21.04
N SER A 279 -10.10 -5.44 -21.94
CA SER A 279 -9.80 -5.72 -23.34
C SER A 279 -8.34 -5.35 -23.59
N VAL A 280 -7.54 -6.33 -23.99
CA VAL A 280 -6.10 -6.13 -24.14
C VAL A 280 -5.53 -6.84 -25.34
N PRO A 281 -4.48 -6.28 -25.93
CA PRO A 281 -3.74 -6.97 -26.99
C PRO A 281 -2.98 -8.12 -26.36
N LEU A 282 -3.74 -9.05 -25.78
CA LEU A 282 -3.18 -10.20 -25.10
C LEU A 282 -2.17 -10.89 -25.99
N VAL A 283 -2.52 -11.04 -27.26
CA VAL A 283 -1.63 -11.66 -28.24
C VAL A 283 -0.31 -10.91 -28.34
N HIS A 284 -0.36 -9.59 -28.51
CA HIS A 284 0.88 -8.79 -28.64
C HIS A 284 1.88 -9.12 -27.52
N ALA A 285 1.40 -9.09 -26.29
CA ALA A 285 2.22 -9.49 -25.15
C ALA A 285 2.71 -10.92 -25.24
N ALA A 286 1.81 -11.84 -25.53
CA ALA A 286 2.13 -13.25 -25.47
C ALA A 286 3.19 -13.64 -26.49
N THR A 287 3.07 -13.13 -27.71
CA THR A 287 4.04 -13.37 -28.78
C THR A 287 5.40 -12.71 -28.57
N ARG A 288 5.50 -11.81 -27.60
CA ARG A 288 6.76 -11.17 -27.27
C ARG A 288 7.30 -11.66 -25.93
N GLU A 289 6.66 -12.70 -25.41
CA GLU A 289 6.90 -13.23 -24.06
C GLU A 289 6.98 -12.11 -23.00
N VAL A 290 6.06 -11.17 -23.11
CA VAL A 290 5.83 -10.21 -22.00
C VAL A 290 4.86 -10.87 -21.05
N ASP A 291 5.33 -11.19 -19.85
CA ASP A 291 4.45 -11.80 -18.87
C ASP A 291 3.52 -10.76 -18.27
N ILE A 292 2.32 -11.21 -17.93
CA ILE A 292 1.38 -10.35 -17.26
C ILE A 292 1.08 -10.94 -15.91
N LYS A 293 1.47 -10.21 -14.86
CA LYS A 293 1.34 -10.68 -13.48
C LYS A 293 0.50 -9.70 -12.69
N GLY A 294 -0.22 -10.23 -11.71
CA GLY A 294 -0.98 -9.36 -10.82
C GLY A 294 -0.36 -9.41 -9.45
N VAL A 295 -1.00 -8.75 -8.48
CA VAL A 295 -0.55 -8.85 -7.11
C VAL A 295 -1.77 -8.90 -6.22
N PHE A 296 -1.67 -9.58 -5.09
CA PHE A 296 -2.70 -9.47 -4.08
C PHE A 296 -2.02 -9.12 -2.77
N ARG A 297 -2.00 -7.82 -2.45
CA ARG A 297 -1.30 -7.31 -1.28
C ARG A 297 0.21 -7.58 -1.29
N TYR A 298 0.68 -8.47 -0.41
CA TYR A 298 2.12 -8.67 -0.23
C TYR A 298 2.38 -9.82 0.71
N CYS A 299 3.58 -10.36 0.67
CA CYS A 299 3.98 -11.31 1.70
C CYS A 299 5.46 -11.14 1.95
N ASN A 300 5.88 -11.31 3.20
CA ASN A 300 7.30 -11.25 3.55
C ASN A 300 8.01 -9.97 3.14
N THR A 301 7.38 -8.84 3.37
CA THR A 301 7.99 -7.54 3.06
C THR A 301 8.35 -6.70 4.29
N TRP A 302 7.79 -7.00 5.45
CA TRP A 302 8.01 -6.09 6.57
C TRP A 302 9.47 -6.05 7.02
N PRO A 303 10.10 -7.21 7.25
CA PRO A 303 11.49 -7.16 7.71
C PRO A 303 12.44 -6.46 6.75
N MET A 304 12.32 -6.71 5.45
CA MET A 304 13.21 -6.08 4.47
C MET A 304 12.89 -4.58 4.32
N ALA A 305 11.61 -4.21 4.43
CA ALA A 305 11.25 -2.78 4.45
C ALA A 305 11.86 -2.09 5.68
N ILE A 306 11.77 -2.74 6.84
CA ILE A 306 12.32 -2.12 8.04
C ILE A 306 13.83 -1.99 7.90
N SER A 307 14.46 -3.02 7.32
CA SER A 307 15.90 -2.99 7.10
C SER A 307 16.30 -1.82 6.19
N MET A 308 15.55 -1.58 5.12
CA MET A 308 15.87 -0.49 4.20
C MET A 308 15.64 0.88 4.82
N LEU A 309 14.57 1.00 5.61
CA LEU A 309 14.29 2.26 6.30
C LEU A 309 15.37 2.56 7.34
N ALA A 310 15.70 1.56 8.16
CA ALA A 310 16.69 1.72 9.21
C ALA A 310 18.07 2.08 8.66
N SER A 311 18.36 1.68 7.44
CA SER A 311 19.67 1.97 6.85
C SER A 311 19.60 3.22 6.00
N LYS A 312 18.43 3.86 5.98
CA LYS A 312 18.23 5.07 5.20
C LYS A 312 18.46 4.79 3.73
N SER A 313 18.10 3.60 3.28
CA SER A 313 18.33 3.22 1.88
C SER A 313 17.11 3.52 1.03
N VAL A 314 16.03 3.94 1.69
CA VAL A 314 14.81 4.34 1.00
C VAL A 314 14.14 5.46 1.80
N ASN A 315 13.48 6.40 1.13
CA ASN A 315 12.88 7.54 1.82
C ASN A 315 11.39 7.68 1.50
N VAL A 316 10.54 7.27 2.44
CA VAL A 316 9.09 7.35 2.21
C VAL A 316 8.50 8.64 2.76
N LYS A 317 9.29 9.41 3.50
CA LYS A 317 8.78 10.63 4.17
C LYS A 317 8.06 11.65 3.28
N PRO A 318 8.58 11.89 2.06
CA PRO A 318 7.90 12.88 1.25
C PRO A 318 6.47 12.50 0.85
N LEU A 319 6.07 11.25 1.11
CA LEU A 319 4.71 10.81 0.76
C LEU A 319 3.63 11.44 1.64
N VAL A 320 4.00 11.85 2.85
CA VAL A 320 2.97 12.34 3.78
C VAL A 320 2.71 13.79 3.47
N THR A 321 1.48 14.09 3.04
CA THR A 321 1.15 15.47 2.67
C THR A 321 0.26 16.16 3.70
N HIS A 322 -0.44 15.37 4.51
CA HIS A 322 -1.37 15.89 5.50
C HIS A 322 -1.31 15.07 6.78
N ARG A 323 -1.52 15.72 7.92
CA ARG A 323 -1.70 15.04 9.20
C ARG A 323 -2.96 15.56 9.89
N PHE A 324 -3.77 14.65 10.39
CA PHE A 324 -4.96 15.03 11.15
C PHE A 324 -5.02 14.21 12.41
N PRO A 325 -5.46 14.82 13.53
CA PRO A 325 -5.75 13.99 14.70
C PRO A 325 -6.91 13.05 14.41
N LEU A 326 -6.98 11.92 15.12
CA LEU A 326 -8.09 10.97 14.96
C LEU A 326 -9.46 11.64 14.99
N GLU A 327 -9.63 12.66 15.84
CA GLU A 327 -10.93 13.33 15.96
C GLU A 327 -11.40 14.01 14.67
N LYS A 328 -10.46 14.27 13.76
CA LYS A 328 -10.79 14.92 12.50
C LYS A 328 -10.73 13.91 11.35
N ALA A 329 -11.09 12.66 11.63
CA ALA A 329 -10.98 11.59 10.65
C ALA A 329 -11.90 11.79 9.44
N LEU A 330 -13.09 12.34 9.67
CA LEU A 330 -14.03 12.54 8.58
C LEU A 330 -13.47 13.53 7.57
N GLU A 331 -12.83 14.58 8.10
CA GLU A 331 -12.20 15.58 7.27
C GLU A 331 -11.04 14.96 6.50
N ALA A 332 -10.27 14.12 7.21
CA ALA A 332 -9.11 13.47 6.63
C ALA A 332 -9.53 12.63 5.44
N PHE A 333 -10.69 11.99 5.58
CA PHE A 333 -11.19 11.15 4.50
C PHE A 333 -11.63 12.00 3.32
N GLU A 334 -12.23 13.17 3.59
CA GLU A 334 -12.54 14.13 2.53
C GLU A 334 -11.28 14.56 1.81
N THR A 335 -10.22 14.81 2.56
CA THR A 335 -8.96 15.24 1.99
C THR A 335 -8.38 14.14 1.10
N SER A 336 -8.41 12.91 1.61
CA SER A 336 -7.91 11.76 0.86
C SER A 336 -8.71 11.55 -0.43
N LYS A 337 -10.02 11.76 -0.38
CA LYS A 337 -10.84 11.58 -1.59
C LYS A 337 -10.57 12.62 -2.68
N LYS A 338 -10.47 13.89 -2.28
CA LYS A 338 -10.21 14.96 -3.23
C LYS A 338 -8.87 14.78 -3.94
N GLY A 339 -8.06 13.86 -3.44
CA GLY A 339 -6.86 13.41 -4.15
C GLY A 339 -5.81 14.44 -4.52
N LEU A 340 -5.78 15.56 -3.81
CA LEU A 340 -4.77 16.60 -4.05
C LEU A 340 -3.47 16.25 -3.34
N GLY A 341 -3.59 15.59 -2.19
CA GLY A 341 -2.43 15.15 -1.45
C GLY A 341 -1.96 13.78 -1.92
N LEU A 342 -1.10 13.15 -1.14
CA LEU A 342 -0.72 11.78 -1.43
C LEU A 342 -1.16 10.91 -0.29
N LYS A 343 -0.33 10.86 0.75
CA LYS A 343 -0.67 10.12 1.94
C LYS A 343 -1.22 11.07 3.00
N VAL A 344 -2.47 10.82 3.39
CA VAL A 344 -3.08 11.51 4.53
C VAL A 344 -2.84 10.63 5.73
N MET A 345 -2.26 11.19 6.78
CA MET A 345 -1.80 10.44 7.94
C MET A 345 -2.62 10.84 9.17
N ILE A 346 -3.19 9.86 9.87
CA ILE A 346 -4.00 10.15 11.05
C ILE A 346 -3.25 9.86 12.37
N LYS A 347 -3.30 10.83 13.29
CA LYS A 347 -2.53 10.73 14.53
C LYS A 347 -3.46 10.36 15.68
N CYS A 348 -3.26 9.17 16.25
CA CYS A 348 -4.22 8.63 17.20
C CYS A 348 -3.79 8.80 18.67
N ASP A 349 -2.56 9.24 18.87
CA ASP A 349 -2.03 9.28 20.23
C ASP A 349 -2.18 10.67 20.86
N PRO A 350 -3.03 10.78 21.91
CA PRO A 350 -3.21 12.02 22.65
C PRO A 350 -1.91 12.44 23.35
N SER A 351 -1.03 11.47 23.61
CA SER A 351 0.25 11.74 24.24
C SER A 351 1.24 12.39 23.27
N ASP A 352 1.28 11.91 22.02
CA ASP A 352 2.25 12.38 21.03
C ASP A 352 1.71 12.41 19.61
N GLN A 353 1.93 13.53 18.93
CA GLN A 353 1.39 13.74 17.59
C GLN A 353 2.47 14.12 16.55
N ASN A 354 3.74 13.82 16.86
CA ASN A 354 4.83 14.04 15.91
C ASN A 354 4.94 12.86 14.91
N PRO A 355 5.80 12.99 13.89
CA PRO A 355 6.00 11.87 12.96
C PRO A 355 6.50 10.62 13.68
#